data_6NR0
#
_entry.id   6NR0
#
_cell.length_a   82.310
_cell.length_b   76.840
_cell.length_c   114.461
_cell.angle_alpha   90.000
_cell.angle_beta   95.874
_cell.angle_gamma   90.000
#
_symmetry.space_group_name_H-M   'I 1 2 1'
#
loop_
_entity.id
_entity.type
_entity.pdbx_description
1 polymer 'NAD-dependent protein deacetylase sirtuin-2'
2 non-polymer 'ZINC ION'
3 non-polymer N~2~-[3-(2-hydroxyethoxy)propanoyl]-N-phenyl-N~6~-tetradecanethioyl-L-lysinamide
4 non-polymer '[[(2~{R},3~{S},4~{R},5~{R})-5-(6-aminopurin-9-yl)-3,4-bis(oxidanyl)oxolan-2-yl]methoxy-oxidanyl-phosphoryl] [(3~{S},4~{R},5~{R})-3,4-bis(oxidanyl)-5-sulfanyl-oxolan-2-yl]methyl hydrogen phosphate'
5 non-polymer 'SODIUM ION'
6 non-polymer 'SULFATE ION'
7 non-polymer GLYCEROL
8 water water
#
_entity_poly.entity_id   1
_entity_poly.type   'polypeptide(L)'
_entity_poly.pdbx_seq_one_letter_code
;MDFLRNLFSQTLSLGSQKERLLDELTLEGVARYMQSERCRRVICLVGAGISTSAGIPDFRSPSTGLYDNLEKYHLPYPEA
IFEISYFKKHPEPFFALAKELYPGQFKPTICHYFMRLLKDKGLLLRCYTQNIDTLERIAGLEQEDLVEAHGTFYTSHCVS
ASCRHEYPLSWMKEKIFSEVTPKCEDCQSLVKPDIVFFGESLPARFFSCMQSDFLKVDLLLVMGTSLQVQPFASLISKAP
LSTPRLLINKEKAGQSDPFLGMIMGLGGGMDFDSKKAYRDVAWLGECDQGCLALAELLGWKKELEDLVRREHASIDAQS
;
_entity_poly.pdbx_strand_id   A,B
#
# COMPACT_ATOMS: atom_id res chain seq x y z
N GLU A 19 23.49 13.84 12.20
CA GLU A 19 22.66 13.71 13.38
C GLU A 19 21.35 14.46 13.21
N ARG A 20 20.38 13.80 12.58
CA ARG A 20 19.06 14.36 12.34
C ARG A 20 19.17 15.76 11.74
N LEU A 21 19.60 15.79 10.47
CA LEU A 21 19.76 17.06 9.77
C LEU A 21 18.46 17.84 9.75
N LEU A 22 17.35 17.17 10.02
CA LEU A 22 16.05 17.78 10.17
C LEU A 22 15.81 18.03 11.66
N ASP A 23 15.29 19.21 11.98
CA ASP A 23 14.99 19.52 13.38
C ASP A 23 13.70 18.85 13.83
N GLU A 24 12.78 18.61 12.91
CA GLU A 24 11.54 17.91 13.23
C GLU A 24 11.01 17.23 11.98
N LEU A 25 10.46 16.01 12.15
CA LEU A 25 10.02 15.15 11.06
C LEU A 25 8.66 15.61 10.54
N THR A 26 8.69 16.78 9.90
CA THR A 26 7.48 17.39 9.36
C THR A 26 7.81 18.07 8.04
N LEU A 27 6.76 18.51 7.34
CA LEU A 27 6.96 19.35 6.17
C LEU A 27 7.66 20.65 6.56
N GLU A 28 7.28 21.21 7.71
CA GLU A 28 7.93 22.42 8.20
C GLU A 28 9.41 22.15 8.48
N GLY A 29 9.72 21.01 9.08
CA GLY A 29 11.11 20.66 9.31
C GLY A 29 11.89 20.52 8.01
N VAL A 30 11.28 19.87 7.01
CA VAL A 30 11.96 19.69 5.74
C VAL A 30 12.18 21.03 5.06
N ALA A 31 11.17 21.92 5.10
CA ALA A 31 11.33 23.24 4.48
C ALA A 31 12.37 24.07 5.22
N ARG A 32 12.44 23.97 6.55
CA ARG A 32 13.51 24.64 7.26
C ARG A 32 14.86 24.13 6.77
N TYR A 33 14.98 22.81 6.63
CA TYR A 33 16.22 22.24 6.12
C TYR A 33 16.54 22.80 4.73
N MET A 34 15.51 22.92 3.89
CA MET A 34 15.75 23.36 2.52
C MET A 34 16.24 24.82 2.47
N GLN A 35 15.75 25.66 3.37
CA GLN A 35 16.27 27.03 3.42
C GLN A 35 17.66 27.10 4.02
N SER A 36 18.10 26.04 4.70
CA SER A 36 19.43 26.02 5.29
C SER A 36 20.50 25.96 4.20
N GLU A 37 21.75 26.19 4.64
CA GLU A 37 22.91 26.18 3.75
C GLU A 37 23.30 24.77 3.32
N ARG A 38 23.09 23.80 4.19
CA ARG A 38 23.52 22.43 3.96
C ARG A 38 22.73 21.74 2.84
N CYS A 39 21.53 22.22 2.55
CA CYS A 39 20.69 21.61 1.53
C CYS A 39 20.96 22.32 0.22
N ARG A 40 21.92 21.79 -0.55
CA ARG A 40 22.18 22.37 -1.87
C ARG A 40 21.82 21.46 -3.02
N ARG A 41 21.61 20.17 -2.76
CA ARG A 41 21.32 19.21 -3.82
C ARG A 41 20.09 18.39 -3.49
N VAL A 42 19.03 18.57 -4.28
CA VAL A 42 17.79 17.84 -4.11
C VAL A 42 17.68 16.86 -5.27
N ILE A 43 17.34 15.62 -4.93
CA ILE A 43 17.00 14.59 -5.93
C ILE A 43 15.50 14.35 -5.81
N CYS A 44 14.81 14.38 -6.94
CA CYS A 44 13.39 14.04 -6.99
C CYS A 44 13.24 12.65 -7.58
N LEU A 45 12.46 11.80 -6.91
CA LEU A 45 12.05 10.51 -7.46
C LEU A 45 10.54 10.54 -7.59
N VAL A 46 10.05 10.48 -8.83
CA VAL A 46 8.64 10.70 -9.09
C VAL A 46 8.10 9.58 -9.97
N GLY A 47 6.78 9.44 -9.95
CA GLY A 47 6.09 8.37 -10.63
C GLY A 47 4.74 8.83 -11.15
N ALA A 48 3.92 7.87 -11.59
CA ALA A 48 2.65 8.23 -12.25
C ALA A 48 1.77 9.14 -11.40
N GLY A 49 1.91 9.09 -10.08
CA GLY A 49 1.06 9.89 -9.23
C GLY A 49 1.14 11.39 -9.50
N ILE A 50 2.28 11.87 -10.01
CA ILE A 50 2.39 13.30 -10.28
C ILE A 50 1.71 13.73 -11.56
N SER A 51 1.17 12.79 -12.35
CA SER A 51 0.50 13.14 -13.59
C SER A 51 -1.00 12.90 -13.56
N THR A 52 -1.54 12.29 -12.51
CA THR A 52 -2.97 12.02 -12.48
C THR A 52 -3.78 13.32 -12.51
N SER A 53 -3.27 14.40 -11.92
CA SER A 53 -3.94 15.69 -12.01
C SER A 53 -4.02 16.17 -13.46
N ALA A 54 -3.06 15.76 -14.29
CA ALA A 54 -3.07 16.10 -15.71
C ALA A 54 -3.91 15.12 -16.51
N GLY A 55 -4.67 14.26 -15.83
CA GLY A 55 -5.56 13.32 -16.49
C GLY A 55 -4.94 12.03 -16.98
N ILE A 56 -3.72 11.70 -16.56
CA ILE A 56 -3.12 10.42 -16.91
C ILE A 56 -3.18 9.54 -15.64
N PRO A 57 -3.86 8.41 -15.68
CA PRO A 57 -4.01 7.60 -14.46
C PRO A 57 -2.78 6.77 -14.16
N ASP A 58 -2.68 6.37 -12.89
CA ASP A 58 -1.55 5.54 -12.47
C ASP A 58 -1.83 4.09 -12.82
N PHE A 59 -1.04 3.19 -12.25
CA PHE A 59 -1.09 1.75 -12.51
C PHE A 59 -1.77 0.96 -11.40
N ARG A 60 -1.36 1.17 -10.14
CA ARG A 60 -1.81 0.34 -9.04
C ARG A 60 -2.85 0.98 -8.11
N SER A 61 -3.37 2.15 -8.44
CA SER A 61 -4.48 2.68 -7.66
C SER A 61 -5.69 1.76 -7.88
N PRO A 62 -6.46 1.47 -6.81
CA PRO A 62 -7.65 0.60 -7.02
C PRO A 62 -8.74 1.32 -7.77
N SER A 63 -9.42 0.58 -8.64
CA SER A 63 -10.55 1.09 -9.41
C SER A 63 -10.12 1.96 -10.59
N THR A 64 -9.37 3.02 -10.31
CA THR A 64 -8.94 3.92 -11.37
C THR A 64 -7.65 3.52 -12.05
N GLY A 65 -6.83 2.69 -11.42
CA GLY A 65 -5.54 2.38 -11.99
C GLY A 65 -5.65 1.52 -13.24
N LEU A 66 -4.53 1.46 -13.98
CA LEU A 66 -4.49 0.70 -15.23
C LEU A 66 -4.67 -0.80 -14.98
N TYR A 67 -4.11 -1.32 -13.89
CA TYR A 67 -4.29 -2.75 -13.63
C TYR A 67 -5.75 -3.12 -13.49
N ASP A 68 -6.58 -2.21 -12.98
CA ASP A 68 -7.99 -2.48 -12.73
C ASP A 68 -8.85 -2.18 -13.95
N ASN A 69 -8.26 -1.72 -15.05
CA ASN A 69 -9.02 -1.39 -16.24
C ASN A 69 -8.36 -1.92 -17.50
N LEU A 70 -7.99 -3.22 -17.52
CA LEU A 70 -7.41 -3.83 -18.71
C LEU A 70 -8.31 -4.92 -19.29
N GLU A 71 -9.62 -4.87 -19.01
CA GLU A 71 -10.50 -5.96 -19.41
C GLU A 71 -10.71 -6.01 -20.91
N LYS A 72 -10.84 -4.84 -21.54
CA LYS A 72 -11.20 -4.76 -22.96
C LYS A 72 -10.06 -5.09 -23.89
N TYR A 73 -8.87 -5.33 -23.37
CA TYR A 73 -7.77 -5.77 -24.20
C TYR A 73 -7.64 -7.27 -24.30
N HIS A 74 -8.31 -8.04 -23.44
CA HIS A 74 -8.30 -9.48 -23.51
C HIS A 74 -6.87 -9.99 -23.47
N LEU A 75 -6.17 -9.61 -22.40
CA LEU A 75 -4.78 -9.97 -22.21
C LEU A 75 -4.73 -11.27 -21.44
N PRO A 76 -3.72 -12.12 -21.69
CA PRO A 76 -3.62 -13.34 -20.87
C PRO A 76 -3.45 -13.01 -19.41
N TYR A 77 -2.70 -11.95 -19.11
CA TYR A 77 -2.52 -11.46 -17.75
C TYR A 77 -2.28 -9.97 -17.74
N PRO A 78 -2.59 -9.26 -16.65
CA PRO A 78 -2.50 -7.80 -16.65
C PRO A 78 -1.15 -7.25 -17.03
N GLU A 79 -0.06 -7.88 -16.55
CA GLU A 79 1.27 -7.33 -16.83
C GLU A 79 1.70 -7.48 -18.29
N ALA A 80 1.07 -8.40 -19.05
CA ALA A 80 1.44 -8.70 -20.43
C ALA A 80 1.44 -7.46 -21.31
N ILE A 81 0.48 -6.55 -21.13
CA ILE A 81 0.44 -5.34 -21.92
C ILE A 81 1.74 -4.52 -21.80
N PHE A 82 2.52 -4.70 -20.74
CA PHE A 82 3.76 -3.97 -20.55
C PHE A 82 5.01 -4.81 -20.74
N GLU A 83 4.86 -6.08 -21.09
CA GLU A 83 5.99 -6.98 -21.23
C GLU A 83 6.54 -6.95 -22.65
N ILE A 84 7.87 -6.85 -22.76
CA ILE A 84 8.51 -6.77 -24.07
C ILE A 84 8.13 -7.96 -24.95
N SER A 85 8.14 -9.17 -24.38
CA SER A 85 7.90 -10.36 -25.20
C SER A 85 6.48 -10.37 -25.74
N TYR A 86 5.49 -10.13 -24.87
CA TYR A 86 4.12 -10.06 -25.34
C TYR A 86 3.96 -8.94 -26.38
N PHE A 87 4.49 -7.77 -26.08
CA PHE A 87 4.41 -6.68 -27.06
C PHE A 87 4.97 -7.09 -28.40
N LYS A 88 6.08 -7.84 -28.40
CA LYS A 88 6.68 -8.24 -29.66
C LYS A 88 5.82 -9.27 -30.37
N LYS A 89 5.03 -10.05 -29.64
CA LYS A 89 4.19 -11.01 -30.34
C LYS A 89 2.73 -10.58 -30.48
N HIS A 90 2.25 -9.69 -29.61
CA HIS A 90 0.86 -9.22 -29.63
C HIS A 90 0.87 -7.71 -29.36
N PRO A 91 1.42 -6.92 -30.28
CA PRO A 91 1.52 -5.47 -30.03
C PRO A 91 0.22 -4.70 -30.16
N GLU A 92 -0.82 -5.25 -30.77
CA GLU A 92 -2.07 -4.50 -30.96
C GLU A 92 -2.67 -3.96 -29.65
N PRO A 93 -2.78 -4.74 -28.56
CA PRO A 93 -3.34 -4.15 -27.33
C PRO A 93 -2.56 -2.96 -26.81
N PHE A 94 -1.23 -3.01 -26.80
CA PHE A 94 -0.48 -1.86 -26.29
C PHE A 94 -0.76 -0.61 -27.11
N PHE A 95 -0.85 -0.75 -28.45
CA PHE A 95 -1.08 0.45 -29.26
C PHE A 95 -2.52 0.93 -29.17
N ALA A 96 -3.48 0.03 -28.96
CA ALA A 96 -4.82 0.49 -28.63
C ALA A 96 -4.81 1.31 -27.35
N LEU A 97 -4.10 0.81 -26.32
CA LEU A 97 -3.97 1.57 -25.07
C LEU A 97 -3.26 2.88 -25.32
N ALA A 98 -2.24 2.88 -26.18
CA ALA A 98 -1.52 4.11 -26.48
C ALA A 98 -2.44 5.13 -27.14
N LYS A 99 -3.26 4.67 -28.10
CA LYS A 99 -4.19 5.59 -28.75
C LYS A 99 -5.17 6.18 -27.73
N GLU A 100 -5.76 5.33 -26.91
CA GLU A 100 -6.82 5.78 -26.00
C GLU A 100 -6.23 6.57 -24.83
N LEU A 101 -4.97 6.33 -24.50
CA LEU A 101 -4.31 7.01 -23.40
C LEU A 101 -3.55 8.25 -23.83
N TYR A 102 -3.31 8.43 -25.14
CA TYR A 102 -2.62 9.60 -25.63
C TYR A 102 -3.32 10.82 -25.08
N PRO A 103 -2.63 11.70 -24.35
CA PRO A 103 -3.32 12.79 -23.69
C PRO A 103 -3.52 13.95 -24.64
N GLY A 104 -4.79 14.36 -24.73
CA GLY A 104 -5.15 15.40 -25.68
C GLY A 104 -4.29 16.64 -25.54
N GLN A 105 -4.04 17.06 -24.33
CA GLN A 105 -3.16 18.17 -24.03
C GLN A 105 -2.10 17.68 -23.05
N PHE A 106 -0.85 18.06 -23.28
CA PHE A 106 0.21 17.65 -22.37
C PHE A 106 0.49 18.82 -21.43
N LYS A 107 -0.33 18.94 -20.40
CA LYS A 107 -0.13 20.04 -19.48
C LYS A 107 0.41 19.57 -18.14
N PRO A 108 1.65 19.90 -17.82
CA PRO A 108 2.23 19.45 -16.54
C PRO A 108 1.43 19.98 -15.36
N THR A 109 1.56 19.27 -14.25
CA THR A 109 0.80 19.62 -13.06
C THR A 109 1.60 20.60 -12.20
N ILE A 110 0.96 21.06 -11.13
CA ILE A 110 1.63 21.96 -10.20
C ILE A 110 2.92 21.33 -9.68
N CYS A 111 2.95 20.00 -9.59
CA CYS A 111 4.13 19.30 -9.08
C CYS A 111 5.31 19.44 -10.04
N HIS A 112 5.07 19.24 -11.34
CA HIS A 112 6.12 19.47 -12.32
C HIS A 112 6.71 20.86 -12.18
N TYR A 113 5.85 21.88 -12.11
CA TYR A 113 6.35 23.24 -12.00
C TYR A 113 7.01 23.51 -10.66
N PHE A 114 6.64 22.79 -9.59
CA PHE A 114 7.41 22.94 -8.36
C PHE A 114 8.83 22.42 -8.55
N MET A 115 8.99 21.32 -9.30
CA MET A 115 10.35 20.89 -9.63
C MET A 115 11.02 21.89 -10.57
N ARG A 116 10.23 22.66 -11.30
CA ARG A 116 10.76 23.74 -12.11
C ARG A 116 11.27 24.85 -11.22
N LEU A 117 10.55 25.14 -10.13
CA LEU A 117 11.02 26.08 -9.12
C LEU A 117 12.33 25.59 -8.53
N LEU A 118 12.43 24.29 -8.29
CA LEU A 118 13.69 23.74 -7.78
C LEU A 118 14.82 23.94 -8.79
N LYS A 119 14.54 23.82 -10.09
CA LYS A 119 15.59 24.10 -11.07
C LYS A 119 16.01 25.56 -11.03
N ASP A 120 15.03 26.46 -10.97
CA ASP A 120 15.32 27.90 -11.04
C ASP A 120 16.10 28.43 -9.83
N LYS A 121 16.01 27.78 -8.67
CA LYS A 121 16.67 28.25 -7.45
C LYS A 121 17.98 27.53 -7.25
N GLY A 122 18.47 26.81 -8.25
CA GLY A 122 19.73 26.10 -8.13
C GLY A 122 19.70 24.90 -7.21
N LEU A 123 18.51 24.40 -6.86
CA LEU A 123 18.40 23.32 -5.89
C LEU A 123 18.32 21.93 -6.51
N LEU A 124 18.02 21.80 -7.80
CA LEU A 124 17.73 20.49 -8.39
C LEU A 124 19.00 19.86 -8.97
N LEU A 125 19.49 18.80 -8.33
CA LEU A 125 20.59 18.03 -8.89
C LEU A 125 20.12 17.10 -10.00
N ARG A 126 19.01 16.39 -9.78
CA ARG A 126 18.47 15.49 -10.80
C ARG A 126 17.01 15.21 -10.52
N CYS A 127 16.26 14.92 -11.58
CA CYS A 127 14.92 14.36 -11.46
C CYS A 127 14.93 12.98 -12.10
N TYR A 128 14.87 11.93 -11.28
CA TYR A 128 14.70 10.56 -11.76
C TYR A 128 13.20 10.32 -11.91
N THR A 129 12.73 10.11 -13.12
CA THR A 129 11.31 9.91 -13.37
C THR A 129 11.04 8.51 -13.90
N GLN A 130 9.91 7.95 -13.48
CA GLN A 130 9.40 6.68 -13.98
C GLN A 130 8.35 6.88 -15.05
N ASN A 131 7.82 8.08 -15.17
CA ASN A 131 6.80 8.39 -16.17
C ASN A 131 7.42 8.47 -17.56
N ILE A 132 6.60 8.17 -18.56
CA ILE A 132 6.99 8.22 -19.95
C ILE A 132 6.32 9.39 -20.68
N ASP A 133 5.58 10.24 -19.97
CA ASP A 133 4.76 11.28 -20.59
C ASP A 133 5.53 12.55 -20.91
N THR A 134 6.78 12.64 -20.49
CA THR A 134 7.69 13.75 -20.78
C THR A 134 7.21 15.08 -20.23
N LEU A 135 6.24 15.09 -19.33
CA LEU A 135 5.77 16.36 -18.77
C LEU A 135 6.86 17.12 -18.04
N GLU A 136 7.91 16.44 -17.56
CA GLU A 136 9.02 17.16 -16.94
C GLU A 136 9.74 18.05 -17.94
N ARG A 137 9.82 17.64 -19.21
CA ARG A 137 10.44 18.52 -20.20
C ARG A 137 9.55 19.73 -20.48
N ILE A 138 8.24 19.49 -20.67
CA ILE A 138 7.34 20.59 -20.99
C ILE A 138 7.31 21.59 -19.84
N ALA A 139 7.51 21.13 -18.61
CA ALA A 139 7.61 22.06 -17.49
C ALA A 139 8.93 22.83 -17.48
N GLY A 140 9.88 22.46 -18.34
CA GLY A 140 11.12 23.20 -18.44
C GLY A 140 12.37 22.56 -17.86
N LEU A 141 12.31 21.33 -17.37
CA LEU A 141 13.55 20.65 -17.00
C LEU A 141 14.29 20.23 -18.25
N GLU A 142 15.62 20.38 -18.23
CA GLU A 142 16.42 20.02 -19.37
C GLU A 142 16.92 18.59 -19.23
N GLN A 143 17.42 18.07 -20.34
CA GLN A 143 17.87 16.68 -20.34
C GLN A 143 18.94 16.42 -19.28
N GLU A 144 19.91 17.33 -19.14
CA GLU A 144 20.89 17.20 -18.07
C GLU A 144 20.22 17.16 -16.70
N ASP A 145 19.03 17.71 -16.55
CA ASP A 145 18.29 17.66 -15.30
C ASP A 145 17.60 16.33 -15.08
N LEU A 146 17.43 15.52 -16.13
CA LEU A 146 16.51 14.40 -16.09
C LEU A 146 17.21 13.06 -16.26
N VAL A 147 16.70 12.07 -15.55
CA VAL A 147 16.97 10.65 -15.81
C VAL A 147 15.60 10.01 -16.02
N GLU A 148 15.23 9.80 -17.29
CA GLU A 148 13.95 9.16 -17.60
C GLU A 148 14.17 7.66 -17.51
N ALA A 149 14.03 7.12 -16.29
CA ALA A 149 14.48 5.77 -16.00
C ALA A 149 13.79 4.73 -16.86
N HIS A 150 12.54 4.96 -17.23
CA HIS A 150 11.78 4.06 -18.06
C HIS A 150 11.48 4.61 -19.44
N GLY A 151 12.34 5.51 -19.91
CA GLY A 151 12.26 5.95 -21.28
C GLY A 151 11.21 7.01 -21.50
N THR A 152 10.79 7.10 -22.76
CA THR A 152 9.88 8.15 -23.18
C THR A 152 9.11 7.68 -24.40
N PHE A 153 7.99 8.36 -24.67
CA PHE A 153 7.22 8.15 -25.87
C PHE A 153 7.67 9.04 -27.02
N TYR A 154 8.55 10.01 -26.72
CA TYR A 154 8.91 11.06 -27.67
C TYR A 154 9.56 10.50 -28.94
N THR A 155 10.41 9.49 -28.78
CA THR A 155 11.12 8.92 -29.91
C THR A 155 10.90 7.42 -29.96
N SER A 156 10.89 6.86 -31.16
CA SER A 156 10.62 5.44 -31.35
C SER A 156 11.71 4.81 -32.20
N HIS A 157 11.82 3.49 -32.13
CA HIS A 157 12.81 2.80 -32.94
C HIS A 157 12.26 1.47 -33.44
N CYS A 158 12.73 1.06 -34.63
CA CYS A 158 12.54 -0.29 -35.12
C CYS A 158 13.22 -1.27 -34.16
N VAL A 159 12.66 -2.48 -34.05
CA VAL A 159 13.12 -3.41 -33.02
C VAL A 159 14.27 -4.30 -33.44
N SER A 160 14.62 -4.32 -34.72
CA SER A 160 15.66 -5.23 -35.19
C SER A 160 17.02 -4.76 -34.71
N ALA A 161 17.79 -5.69 -34.15
CA ALA A 161 19.11 -5.39 -33.60
C ALA A 161 20.09 -4.85 -34.63
N SER A 162 19.81 -4.99 -35.93
CA SER A 162 20.67 -4.46 -36.98
C SER A 162 20.07 -3.27 -37.71
N CYS A 163 18.82 -2.90 -37.41
CA CYS A 163 18.12 -1.82 -38.12
C CYS A 163 18.09 -0.57 -37.25
N ARG A 164 17.31 -0.63 -36.17
CA ARG A 164 17.27 0.44 -35.18
C ARG A 164 17.02 1.81 -35.80
N HIS A 165 16.18 1.84 -36.82
CA HIS A 165 15.85 3.10 -37.45
C HIS A 165 14.90 3.90 -36.55
N GLU A 166 15.22 5.18 -36.34
CA GLU A 166 14.44 6.02 -35.43
C GLU A 166 13.29 6.72 -36.15
N TYR A 167 12.22 6.96 -35.41
CA TYR A 167 11.05 7.64 -35.92
C TYR A 167 10.53 8.66 -34.91
N PRO A 168 10.13 9.84 -35.38
CA PRO A 168 9.66 10.89 -34.47
C PRO A 168 8.19 10.73 -34.11
N LEU A 169 7.80 11.48 -33.08
CA LEU A 169 6.44 11.40 -32.57
C LEU A 169 5.39 11.74 -33.61
N SER A 170 5.70 12.57 -34.60
CA SER A 170 4.68 12.88 -35.60
C SER A 170 4.24 11.60 -36.29
N TRP A 171 5.22 10.83 -36.78
CA TRP A 171 5.00 9.52 -37.39
C TRP A 171 4.17 8.61 -36.49
N MET A 172 4.63 8.45 -35.26
CA MET A 172 3.93 7.57 -34.32
C MET A 172 2.49 8.04 -34.06
N LYS A 173 2.31 9.32 -33.70
CA LYS A 173 0.97 9.84 -33.43
C LYS A 173 0.06 9.50 -34.60
N GLU A 174 0.52 9.75 -35.82
CA GLU A 174 -0.28 9.47 -37.01
C GLU A 174 -0.58 7.98 -37.17
N LYS A 175 0.40 7.12 -36.94
CA LYS A 175 0.12 5.69 -37.12
C LYS A 175 -0.80 5.14 -36.00
N ILE A 176 -0.58 5.61 -34.76
CA ILE A 176 -1.40 5.18 -33.62
C ILE A 176 -2.84 5.60 -33.82
N PHE A 177 -3.07 6.84 -34.25
CA PHE A 177 -4.44 7.32 -34.40
C PHE A 177 -5.12 6.74 -35.65
N SER A 178 -4.35 6.41 -36.70
CA SER A 178 -4.94 5.70 -37.82
C SER A 178 -5.03 4.21 -37.55
N GLU A 179 -4.60 3.78 -36.34
CA GLU A 179 -4.72 2.39 -35.87
C GLU A 179 -4.10 1.39 -36.82
N VAL A 180 -2.92 1.74 -37.31
CA VAL A 180 -2.10 0.86 -38.13
C VAL A 180 -0.85 0.56 -37.34
N THR A 181 -0.61 -0.72 -37.02
CA THR A 181 0.52 -1.08 -36.18
C THR A 181 1.80 -0.53 -36.80
N PRO A 182 2.58 0.27 -36.09
CA PRO A 182 3.78 0.86 -36.70
C PRO A 182 4.82 -0.19 -37.08
N LYS A 183 5.12 -0.27 -38.37
CA LYS A 183 6.07 -1.21 -38.96
C LYS A 183 7.10 -0.43 -39.76
N CYS A 184 8.36 -0.83 -39.65
CA CYS A 184 9.45 -0.09 -40.27
C CYS A 184 9.32 -0.04 -41.78
N GLU A 185 9.55 1.15 -42.35
CA GLU A 185 9.52 1.26 -43.80
C GLU A 185 10.65 0.48 -44.46
N ASP A 186 11.84 0.48 -43.85
CA ASP A 186 12.95 -0.20 -44.49
C ASP A 186 12.92 -1.71 -44.28
N CYS A 187 12.71 -2.18 -43.07
CA CYS A 187 12.75 -3.62 -42.82
C CYS A 187 11.41 -4.22 -42.47
N GLN A 188 10.34 -3.42 -42.40
CA GLN A 188 8.99 -3.90 -42.08
C GLN A 188 8.89 -4.58 -40.72
N SER A 189 9.85 -4.37 -39.81
CA SER A 189 9.72 -4.95 -38.47
C SER A 189 8.82 -4.02 -37.66
N LEU A 190 8.81 -4.21 -36.35
CA LEU A 190 7.93 -3.48 -35.45
C LEU A 190 8.70 -2.26 -34.94
N VAL A 191 8.05 -1.11 -34.96
CA VAL A 191 8.64 0.11 -34.43
C VAL A 191 7.95 0.36 -33.10
N LYS A 192 8.71 0.34 -32.00
CA LYS A 192 8.07 0.63 -30.71
C LYS A 192 8.64 1.91 -30.11
N PRO A 193 7.81 2.66 -29.37
CA PRO A 193 8.34 3.80 -28.59
C PRO A 193 9.52 3.41 -27.73
N ASP A 194 10.38 4.39 -27.43
CA ASP A 194 11.57 4.16 -26.61
C ASP A 194 11.24 4.14 -25.13
N ILE A 195 10.18 3.45 -24.74
CA ILE A 195 9.87 3.26 -23.34
C ILE A 195 10.50 1.95 -22.88
N VAL A 196 10.75 1.83 -21.58
CA VAL A 196 11.38 0.64 -21.02
C VAL A 196 10.30 -0.35 -20.61
N PHE A 197 10.01 -1.31 -21.48
CA PHE A 197 9.08 -2.36 -21.13
C PHE A 197 9.69 -3.31 -20.10
N PHE A 198 8.82 -3.99 -19.35
CA PHE A 198 9.29 -5.07 -18.48
C PHE A 198 10.18 -6.00 -19.29
N GLY A 199 11.41 -6.22 -18.84
CA GLY A 199 12.32 -7.08 -19.56
C GLY A 199 13.35 -6.39 -20.42
N GLU A 200 13.25 -5.07 -20.60
CA GLU A 200 14.29 -4.30 -21.26
C GLU A 200 15.18 -3.67 -20.21
N SER A 201 16.46 -3.52 -20.53
CA SER A 201 17.39 -2.94 -19.59
C SER A 201 17.15 -1.45 -19.48
N LEU A 202 17.50 -0.88 -18.34
CA LEU A 202 17.39 0.56 -18.19
C LEU A 202 18.53 1.26 -18.93
N PRO A 203 18.37 2.55 -19.20
CA PRO A 203 19.43 3.29 -19.89
C PRO A 203 20.66 3.41 -19.01
N ALA A 204 21.83 3.44 -19.65
CA ALA A 204 23.09 3.57 -18.91
C ALA A 204 23.12 4.86 -18.09
N ARG A 205 22.44 5.90 -18.57
CA ARG A 205 22.39 7.17 -17.85
C ARG A 205 21.92 6.96 -16.41
N PHE A 206 20.90 6.12 -16.22
CA PHE A 206 20.39 5.82 -14.88
C PHE A 206 21.53 5.48 -13.93
N PHE A 207 22.37 4.52 -14.33
CA PHE A 207 23.43 4.04 -13.45
C PHE A 207 24.56 5.05 -13.30
N SER A 208 24.97 5.68 -14.40
CA SER A 208 26.05 6.64 -14.26
C SER A 208 25.64 7.71 -13.25
N CYS A 209 24.59 8.43 -13.65
CA CYS A 209 23.99 9.47 -12.84
C CYS A 209 23.77 8.99 -11.41
N MET A 210 23.42 7.73 -11.21
CA MET A 210 23.17 7.28 -9.84
C MET A 210 24.46 7.30 -9.01
N GLN A 211 25.50 6.64 -9.52
CA GLN A 211 26.77 6.60 -8.79
C GLN A 211 27.24 8.00 -8.45
N SER A 212 26.95 8.97 -9.30
CA SER A 212 27.39 10.32 -8.95
C SER A 212 26.41 11.06 -8.05
N ASP A 213 25.13 11.10 -8.42
CA ASP A 213 24.15 11.91 -7.72
C ASP A 213 23.96 11.49 -6.27
N PHE A 214 24.05 10.20 -5.98
CA PHE A 214 23.72 9.82 -4.62
C PHE A 214 24.90 9.90 -3.68
N LEU A 215 26.06 10.37 -4.15
CA LEU A 215 27.13 10.71 -3.23
C LEU A 215 27.05 12.13 -2.66
N LYS A 216 26.45 13.07 -3.41
CA LYS A 216 26.38 14.47 -3.02
C LYS A 216 24.98 14.98 -2.71
N VAL A 217 23.97 14.12 -2.74
CA VAL A 217 22.59 14.53 -2.55
C VAL A 217 22.36 14.90 -1.09
N ASP A 218 21.58 15.97 -0.88
CA ASP A 218 21.24 16.50 0.45
C ASP A 218 19.79 16.28 0.84
N LEU A 219 18.90 16.00 -0.11
CA LEU A 219 17.50 15.79 0.23
C LEU A 219 16.85 14.88 -0.82
N LEU A 220 16.01 13.94 -0.36
CA LEU A 220 15.26 13.09 -1.27
C LEU A 220 13.79 13.47 -1.28
N LEU A 221 13.27 13.76 -2.46
CA LEU A 221 11.86 14.10 -2.62
C LEU A 221 11.14 13.03 -3.42
N VAL A 222 10.46 12.12 -2.73
CA VAL A 222 9.74 11.04 -3.38
C VAL A 222 8.30 11.48 -3.54
N MET A 223 7.79 11.44 -4.76
CA MET A 223 6.46 11.98 -5.02
C MET A 223 5.70 11.10 -6.01
N GLY A 224 4.40 10.95 -5.74
CA GLY A 224 3.52 10.19 -6.60
C GLY A 224 4.09 8.91 -7.15
N THR A 225 4.58 8.04 -6.27
CA THR A 225 5.07 6.73 -6.67
C THR A 225 4.84 5.75 -5.53
N SER A 226 4.53 4.51 -5.89
CA SER A 226 4.33 3.46 -4.90
C SER A 226 5.63 2.72 -4.56
N LEU A 227 6.70 2.96 -5.32
CA LEU A 227 8.00 2.35 -5.05
C LEU A 227 7.90 0.82 -4.97
N GLN A 228 7.20 0.23 -5.93
CA GLN A 228 6.96 -1.21 -5.97
C GLN A 228 7.60 -1.86 -7.19
N VAL A 229 8.46 -1.12 -7.88
CA VAL A 229 9.16 -1.59 -9.09
C VAL A 229 10.65 -1.32 -8.91
N GLN A 230 11.46 -2.35 -9.14
CA GLN A 230 12.91 -2.43 -9.03
C GLN A 230 13.54 -2.39 -10.42
N PRO A 231 14.74 -1.79 -10.56
CA PRO A 231 15.57 -1.29 -9.44
C PRO A 231 15.28 0.16 -9.02
N PHE A 232 14.24 0.78 -9.57
CA PHE A 232 14.02 2.19 -9.28
C PHE A 232 13.84 2.43 -7.79
N ALA A 233 13.00 1.61 -7.15
CA ALA A 233 12.66 1.88 -5.76
C ALA A 233 13.87 1.84 -4.84
N SER A 234 14.86 0.98 -5.14
CA SER A 234 16.03 0.90 -4.28
C SER A 234 16.82 2.19 -4.25
N LEU A 235 16.55 3.15 -5.15
CA LEU A 235 17.29 4.41 -5.14
C LEU A 235 17.25 5.11 -3.79
N ILE A 236 16.14 4.96 -3.04
CA ILE A 236 16.06 5.57 -1.72
C ILE A 236 17.09 4.97 -0.78
N SER A 237 17.73 3.86 -1.19
CA SER A 237 18.74 3.21 -0.36
C SER A 237 20.14 3.70 -0.67
N LYS A 238 20.36 4.22 -1.87
CA LYS A 238 21.68 4.74 -2.22
C LYS A 238 22.00 6.04 -1.49
N ALA A 239 20.98 6.70 -0.94
CA ALA A 239 21.22 8.00 -0.34
C ALA A 239 22.07 7.83 0.92
N PRO A 240 22.94 8.80 1.23
CA PRO A 240 23.69 8.73 2.48
C PRO A 240 22.75 8.52 3.65
N LEU A 241 23.21 7.94 4.75
CA LEU A 241 22.31 7.70 5.86
C LEU A 241 21.83 9.00 6.52
N SER A 242 22.50 10.13 6.26
CA SER A 242 22.11 11.38 6.90
C SER A 242 21.13 12.17 6.05
N THR A 243 20.98 11.82 4.78
CA THR A 243 20.15 12.59 3.86
C THR A 243 18.67 12.45 4.21
N PRO A 244 17.98 13.53 4.60
CA PRO A 244 16.53 13.45 4.80
C PRO A 244 15.77 12.99 3.55
N ARG A 245 14.64 12.34 3.77
CA ARG A 245 13.78 11.82 2.71
C ARG A 245 12.34 12.18 3.02
N LEU A 246 11.73 13.00 2.17
CA LEU A 246 10.32 13.39 2.30
C LEU A 246 9.51 12.78 1.17
N LEU A 247 8.39 12.15 1.54
CA LEU A 247 7.43 11.55 0.61
C LEU A 247 6.15 12.36 0.56
N ILE A 248 5.75 12.78 -0.64
CA ILE A 248 4.45 13.42 -0.89
C ILE A 248 3.61 12.45 -1.69
N ASN A 249 2.59 11.87 -1.06
CA ASN A 249 1.87 10.78 -1.71
C ASN A 249 0.57 10.55 -0.98
N LYS A 250 -0.41 10.00 -1.71
CA LYS A 250 -1.71 9.71 -1.12
C LYS A 250 -1.61 8.73 0.04
N GLU A 251 -0.54 7.94 0.10
CA GLU A 251 -0.36 6.87 1.07
C GLU A 251 1.13 6.59 1.26
N LYS A 252 1.47 6.09 2.46
CA LYS A 252 2.84 5.70 2.72
C LYS A 252 3.28 4.63 1.73
N ALA A 253 4.53 4.75 1.28
CA ALA A 253 5.12 3.82 0.34
C ALA A 253 6.62 3.75 0.64
N GLY A 254 7.24 2.68 0.15
CA GLY A 254 8.66 2.48 0.35
C GLY A 254 9.07 1.90 1.69
N GLN A 255 8.12 1.48 2.52
CA GLN A 255 8.46 1.00 3.84
C GLN A 255 9.17 -0.35 3.77
N GLY A 267 21.87 1.41 2.92
CA GLY A 267 20.97 2.41 3.48
C GLY A 267 19.84 1.81 4.27
N GLY A 268 18.65 1.97 3.75
CA GLY A 268 17.50 1.37 4.39
C GLY A 268 16.25 1.75 3.66
N GLY A 269 15.13 1.27 4.19
CA GLY A 269 13.81 1.62 3.70
C GLY A 269 13.26 2.83 4.43
N MET A 270 12.02 3.15 4.13
CA MET A 270 11.40 4.32 4.74
C MET A 270 10.93 3.96 6.15
N ASP A 271 11.37 4.73 7.14
CA ASP A 271 10.97 4.54 8.53
C ASP A 271 10.36 5.84 9.05
N PHE A 272 9.03 5.94 9.00
CA PHE A 272 8.35 7.16 9.39
C PHE A 272 7.90 7.19 10.83
N ASP A 273 7.68 6.02 11.45
CA ASP A 273 6.89 5.94 12.66
C ASP A 273 7.55 5.19 13.80
N SER A 274 8.69 4.53 13.58
CA SER A 274 9.28 3.71 14.63
C SER A 274 10.07 4.58 15.60
N LYS A 275 10.59 3.96 16.66
CA LYS A 275 11.40 4.69 17.62
C LYS A 275 12.75 5.07 17.02
N LYS A 276 13.13 4.44 15.93
CA LYS A 276 14.40 4.70 15.26
C LYS A 276 14.25 5.67 14.11
N ALA A 277 13.03 6.08 13.78
CA ALA A 277 12.83 7.06 12.70
C ALA A 277 13.59 8.33 13.03
N TYR A 278 14.26 8.88 12.02
CA TYR A 278 15.08 10.06 12.26
C TYR A 278 15.11 11.02 11.10
N ARG A 279 14.92 10.53 9.88
CA ARG A 279 15.10 11.37 8.69
C ARG A 279 13.95 11.32 7.69
N ASP A 280 12.97 10.44 7.87
CA ASP A 280 11.91 10.28 6.89
C ASP A 280 10.64 11.00 7.33
N VAL A 281 10.03 11.69 6.37
CA VAL A 281 8.79 12.43 6.58
C VAL A 281 7.83 12.05 5.47
N ALA A 282 6.59 11.74 5.84
CA ALA A 282 5.53 11.42 4.89
C ALA A 282 4.45 12.48 4.99
N TRP A 283 4.17 13.14 3.86
CA TRP A 283 3.06 14.07 3.73
C TRP A 283 2.03 13.38 2.84
N LEU A 284 0.95 12.92 3.44
CA LEU A 284 -0.06 12.18 2.68
C LEU A 284 -1.06 13.14 2.08
N GLY A 285 -1.40 12.91 0.81
CA GLY A 285 -2.35 13.72 0.09
C GLY A 285 -1.98 13.87 -1.37
N GLU A 286 -2.69 14.79 -2.04
CA GLU A 286 -2.49 15.05 -3.45
C GLU A 286 -1.09 15.65 -3.65
N CYS A 287 -0.42 15.22 -4.73
CA CYS A 287 0.92 15.74 -4.99
C CYS A 287 0.89 17.25 -5.20
N ASP A 288 -0.16 17.74 -5.89
CA ASP A 288 -0.26 19.17 -6.13
C ASP A 288 -0.45 19.95 -4.83
N GLN A 289 -1.30 19.46 -3.93
CA GLN A 289 -1.50 20.14 -2.65
C GLN A 289 -0.23 20.12 -1.80
N GLY A 290 0.49 18.99 -1.81
CA GLY A 290 1.72 18.92 -1.03
C GLY A 290 2.79 19.85 -1.58
N CYS A 291 2.86 19.97 -2.91
CA CYS A 291 3.78 20.94 -3.49
C CYS A 291 3.38 22.36 -3.13
N LEU A 292 2.08 22.64 -3.10
CA LEU A 292 1.61 23.98 -2.73
C LEU A 292 1.99 24.31 -1.29
N ALA A 293 1.73 23.39 -0.37
CA ALA A 293 2.09 23.61 1.04
C ALA A 293 3.59 23.79 1.20
N LEU A 294 4.38 22.93 0.53
CA LEU A 294 5.83 23.04 0.64
C LEU A 294 6.31 24.38 0.12
N ALA A 295 5.80 24.80 -1.04
CA ALA A 295 6.18 26.09 -1.61
C ALA A 295 5.83 27.23 -0.65
N GLU A 296 4.62 27.21 -0.10
CA GLU A 296 4.22 28.24 0.84
C GLU A 296 5.21 28.30 2.01
N LEU A 297 5.51 27.16 2.63
CA LEU A 297 6.51 27.17 3.68
C LEU A 297 7.83 27.78 3.20
N LEU A 298 8.18 27.57 1.93
CA LEU A 298 9.39 28.17 1.36
C LEU A 298 9.15 29.56 0.79
N GLY A 299 7.93 30.08 0.86
CA GLY A 299 7.66 31.38 0.29
C GLY A 299 7.64 31.42 -1.21
N TRP A 300 7.36 30.30 -1.88
CA TRP A 300 7.33 30.26 -3.33
C TRP A 300 5.93 30.09 -3.88
N LYS A 301 4.92 29.90 -3.02
CA LYS A 301 3.58 29.58 -3.48
C LYS A 301 3.09 30.60 -4.51
N LYS A 302 3.32 31.89 -4.26
CA LYS A 302 2.91 32.90 -5.22
C LYS A 302 3.57 32.66 -6.57
N GLU A 303 4.88 32.43 -6.56
N GLU A 303 4.88 32.44 -6.55
CA GLU A 303 5.58 32.22 -7.81
CA GLU A 303 5.62 32.19 -7.79
C GLU A 303 5.17 30.90 -8.46
C GLU A 303 5.19 30.90 -8.45
N LEU A 304 4.92 29.86 -7.66
CA LEU A 304 4.50 28.58 -8.22
C LEU A 304 3.16 28.73 -8.94
N GLU A 305 2.18 29.35 -8.28
CA GLU A 305 0.89 29.59 -8.91
C GLU A 305 1.01 30.46 -10.16
N ASP A 306 1.84 31.52 -10.09
CA ASP A 306 2.02 32.36 -11.26
C ASP A 306 2.59 31.57 -12.42
N LEU A 307 3.61 30.74 -12.15
CA LEU A 307 4.23 29.94 -13.19
C LEU A 307 3.25 28.95 -13.79
N VAL A 308 2.44 28.31 -12.94
CA VAL A 308 1.46 27.36 -13.45
C VAL A 308 0.48 28.05 -14.38
N ARG A 309 -0.08 29.18 -13.94
CA ARG A 309 -1.04 29.89 -14.79
C ARG A 309 -0.39 30.30 -16.11
N ARG A 310 0.77 30.97 -16.04
CA ARG A 310 1.42 31.43 -17.26
C ARG A 310 1.73 30.29 -18.23
N GLU A 311 2.31 29.19 -17.73
CA GLU A 311 2.68 28.11 -18.64
C GLU A 311 1.45 27.43 -19.23
N HIS A 312 0.39 27.21 -18.42
CA HIS A 312 -0.84 26.68 -18.99
C HIS A 312 -1.38 27.60 -20.08
N ALA A 313 -1.33 28.92 -19.86
CA ALA A 313 -1.83 29.85 -20.85
C ALA A 313 -0.96 29.84 -22.10
N SER A 314 0.35 29.76 -21.93
CA SER A 314 1.27 29.77 -23.06
C SER A 314 1.09 28.54 -23.93
N ILE A 315 0.88 27.39 -23.31
CA ILE A 315 0.74 26.17 -24.12
C ILE A 315 -0.61 26.17 -24.84
N ASP A 316 -1.65 26.66 -24.16
CA ASP A 316 -2.98 26.70 -24.79
C ASP A 316 -3.02 27.68 -25.95
N ALA A 317 -2.03 28.56 -26.04
CA ALA A 317 -1.98 29.55 -27.11
C ALA A 317 -1.20 28.93 -28.25
N GLN A 318 -1.38 27.62 -28.43
CA GLN A 318 -0.69 26.88 -29.48
C GLN A 318 0.80 26.73 -29.17
N ARG B 20 -3.17 -26.43 -11.58
CA ARG B 20 -3.69 -25.50 -10.57
C ARG B 20 -5.11 -25.87 -10.17
N LEU B 21 -5.41 -25.70 -8.89
CA LEU B 21 -6.72 -26.07 -8.38
C LEU B 21 -7.84 -25.11 -8.80
N LEU B 22 -7.53 -23.87 -9.18
CA LEU B 22 -8.56 -22.93 -9.60
C LEU B 22 -8.63 -22.87 -11.12
N ASP B 23 -9.87 -22.83 -11.64
CA ASP B 23 -10.03 -22.73 -13.09
C ASP B 23 -9.93 -21.29 -13.60
N GLU B 24 -10.27 -20.29 -12.79
CA GLU B 24 -10.09 -18.90 -13.21
C GLU B 24 -9.78 -18.06 -11.98
N LEU B 25 -8.80 -17.16 -12.12
CA LEU B 25 -8.28 -16.38 -11.00
C LEU B 25 -9.27 -15.27 -10.67
N THR B 26 -10.44 -15.70 -10.20
CA THR B 26 -11.50 -14.75 -9.88
C THR B 26 -12.23 -15.22 -8.63
N LEU B 27 -13.11 -14.35 -8.14
CA LEU B 27 -13.99 -14.72 -7.04
C LEU B 27 -14.89 -15.88 -7.42
N GLU B 28 -15.39 -15.88 -8.66
CA GLU B 28 -16.18 -17.01 -9.14
C GLU B 28 -15.34 -18.29 -9.17
N GLY B 29 -14.06 -18.18 -9.58
CA GLY B 29 -13.21 -19.36 -9.53
C GLY B 29 -13.02 -19.87 -8.11
N VAL B 30 -12.79 -18.96 -7.17
CA VAL B 30 -12.60 -19.36 -5.79
C VAL B 30 -13.89 -20.01 -5.26
N ALA B 31 -15.06 -19.50 -5.63
CA ALA B 31 -16.32 -20.05 -5.10
C ALA B 31 -16.59 -21.43 -5.68
N ARG B 32 -16.30 -21.59 -6.97
CA ARG B 32 -16.40 -22.92 -7.58
C ARG B 32 -15.52 -23.90 -6.79
N TYR B 33 -14.27 -23.48 -6.53
CA TYR B 33 -13.34 -24.32 -5.76
C TYR B 33 -13.87 -24.64 -4.35
N MET B 34 -14.46 -23.66 -3.68
CA MET B 34 -14.99 -23.88 -2.34
C MET B 34 -16.12 -24.91 -2.37
N GLN B 35 -16.83 -24.99 -3.49
CA GLN B 35 -17.80 -26.07 -3.67
C GLN B 35 -17.14 -27.42 -4.00
N SER B 36 -15.88 -27.42 -4.39
CA SER B 36 -15.22 -28.68 -4.72
C SER B 36 -15.03 -29.56 -3.48
N GLU B 37 -14.72 -30.84 -3.75
CA GLU B 37 -14.48 -31.82 -2.69
C GLU B 37 -13.12 -31.65 -2.02
N ARG B 38 -12.08 -31.29 -2.77
CA ARG B 38 -10.77 -31.16 -2.14
C ARG B 38 -10.66 -29.97 -1.21
N CYS B 39 -11.56 -28.99 -1.33
CA CYS B 39 -11.50 -27.82 -0.45
C CYS B 39 -12.30 -28.17 0.80
N ARG B 40 -11.58 -28.69 1.78
CA ARG B 40 -12.14 -29.13 3.04
C ARG B 40 -11.67 -28.35 4.25
N ARG B 41 -10.55 -27.65 4.18
CA ARG B 41 -10.02 -26.89 5.30
C ARG B 41 -9.61 -25.52 4.80
N VAL B 42 -10.29 -24.50 5.31
CA VAL B 42 -10.04 -23.10 4.99
C VAL B 42 -9.42 -22.45 6.21
N ILE B 43 -8.37 -21.66 5.99
CA ILE B 43 -7.78 -20.82 7.03
C ILE B 43 -8.13 -19.37 6.69
N CYS B 44 -8.58 -18.62 7.69
CA CYS B 44 -8.80 -17.20 7.53
C CYS B 44 -7.68 -16.41 8.20
N LEU B 45 -7.14 -15.43 7.51
CA LEU B 45 -6.21 -14.45 8.07
C LEU B 45 -6.88 -13.09 7.96
N VAL B 46 -7.12 -12.45 9.11
CA VAL B 46 -7.89 -11.22 9.13
C VAL B 46 -7.17 -10.15 9.94
N GLY B 47 -7.57 -8.90 9.69
CA GLY B 47 -6.91 -7.74 10.28
C GLY B 47 -7.91 -6.64 10.57
N ALA B 48 -7.42 -5.46 10.94
CA ALA B 48 -8.29 -4.38 11.37
C ALA B 48 -9.34 -4.00 10.32
N GLY B 49 -9.04 -4.24 9.04
CA GLY B 49 -9.97 -3.88 7.99
C GLY B 49 -11.32 -4.56 8.10
N ILE B 50 -11.36 -5.76 8.70
CA ILE B 50 -12.64 -6.45 8.77
C ILE B 50 -13.53 -5.90 9.87
N SER B 51 -13.03 -4.97 10.67
CA SER B 51 -13.80 -4.39 11.76
C SER B 51 -14.16 -2.92 11.58
N THR B 52 -13.64 -2.25 10.57
CA THR B 52 -13.96 -0.84 10.42
C THR B 52 -15.46 -0.64 10.21
N SER B 53 -16.11 -1.59 9.55
CA SER B 53 -17.56 -1.51 9.39
C SER B 53 -18.28 -1.51 10.73
N ALA B 54 -17.69 -2.12 11.75
CA ALA B 54 -18.23 -2.10 13.10
C ALA B 54 -17.82 -0.85 13.87
N GLY B 55 -17.26 0.15 13.18
CA GLY B 55 -16.90 1.41 13.79
C GLY B 55 -15.56 1.45 14.48
N ILE B 56 -14.71 0.49 14.24
CA ILE B 56 -13.35 0.49 14.80
C ILE B 56 -12.39 0.82 13.68
N PRO B 57 -11.64 1.92 13.73
CA PRO B 57 -10.79 2.27 12.58
C PRO B 57 -9.51 1.46 12.54
N ASP B 58 -8.95 1.36 11.35
CA ASP B 58 -7.74 0.57 11.16
C ASP B 58 -6.52 1.38 11.58
N PHE B 59 -5.36 0.83 11.26
CA PHE B 59 -4.13 1.50 11.65
C PHE B 59 -3.50 2.30 10.53
N ARG B 60 -3.33 1.69 9.35
CA ARG B 60 -2.57 2.28 8.24
C ARG B 60 -3.39 2.87 7.09
N SER B 61 -4.70 2.92 7.16
CA SER B 61 -5.43 3.67 6.13
C SER B 61 -5.09 5.14 6.35
N PRO B 62 -4.83 5.89 5.26
CA PRO B 62 -4.42 7.29 5.48
C PRO B 62 -5.62 8.11 5.92
N SER B 63 -5.35 9.05 6.83
CA SER B 63 -6.34 9.99 7.33
C SER B 63 -7.22 9.39 8.41
N THR B 64 -7.88 8.27 8.13
CA THR B 64 -8.75 7.67 9.14
C THR B 64 -8.01 6.75 10.09
N GLY B 65 -6.81 6.32 9.73
CA GLY B 65 -6.09 5.34 10.52
C GLY B 65 -5.62 5.88 11.84
N LEU B 66 -5.23 4.95 12.73
CA LEU B 66 -4.79 5.37 14.04
C LEU B 66 -3.47 6.14 13.93
N TYR B 67 -2.58 5.72 13.04
CA TYR B 67 -1.28 6.40 12.91
C TYR B 67 -1.47 7.88 12.61
N ASP B 68 -2.54 8.23 11.90
CA ASP B 68 -2.81 9.60 11.49
C ASP B 68 -3.59 10.40 12.51
N ASN B 69 -4.00 9.80 13.63
CA ASN B 69 -4.78 10.51 14.63
C ASN B 69 -4.25 10.25 16.03
N LEU B 70 -2.93 10.34 16.18
CA LEU B 70 -2.26 10.10 17.45
C LEU B 70 -1.49 11.32 17.95
N GLU B 71 -1.81 12.49 17.43
CA GLU B 71 -1.02 13.69 17.70
C GLU B 71 -1.41 14.31 19.04
N LYS B 72 -2.68 14.20 19.44
CA LYS B 72 -3.13 14.75 20.71
C LYS B 72 -2.62 13.97 21.92
N TYR B 73 -1.88 12.87 21.71
CA TYR B 73 -1.26 12.14 22.81
C TYR B 73 0.16 12.60 23.10
N HIS B 74 0.74 13.41 22.22
CA HIS B 74 2.05 13.99 22.44
C HIS B 74 3.11 12.90 22.59
N LEU B 75 3.20 12.02 21.53
CA LEU B 75 4.11 10.90 21.66
C LEU B 75 5.47 11.21 21.04
N PRO B 76 6.54 10.60 21.55
CA PRO B 76 7.85 10.78 20.92
C PRO B 76 7.82 10.29 19.49
N TYR B 77 7.14 9.17 19.24
CA TYR B 77 6.89 8.64 17.91
C TYR B 77 5.50 7.98 17.91
N PRO B 78 4.84 7.91 16.76
CA PRO B 78 3.49 7.31 16.72
C PRO B 78 3.45 5.92 17.32
N GLU B 79 4.45 5.07 17.05
CA GLU B 79 4.37 3.68 17.48
C GLU B 79 4.51 3.53 18.98
N ALA B 80 4.96 4.59 19.66
CA ALA B 80 5.24 4.44 21.09
C ALA B 80 4.01 3.90 21.85
N ILE B 81 2.84 4.43 21.51
CA ILE B 81 1.59 4.03 22.18
C ILE B 81 1.37 2.53 22.11
N PHE B 82 2.07 1.85 21.20
CA PHE B 82 1.96 0.41 21.08
C PHE B 82 3.20 -0.32 21.53
N GLU B 83 4.24 0.36 22.02
CA GLU B 83 5.47 -0.28 22.46
C GLU B 83 5.40 -0.65 23.94
N ILE B 84 5.73 -1.90 24.26
CA ILE B 84 5.62 -2.38 25.64
C ILE B 84 6.47 -1.54 26.58
N SER B 85 7.70 -1.21 26.19
CA SER B 85 8.59 -0.48 27.08
C SER B 85 8.05 0.92 27.36
N TYR B 86 7.64 1.62 26.30
CA TYR B 86 7.02 2.93 26.48
C TYR B 86 5.77 2.83 27.35
N PHE B 87 4.91 1.85 27.05
CA PHE B 87 3.72 1.67 27.89
C PHE B 87 4.10 1.48 29.35
N LYS B 88 5.21 0.79 29.61
CA LYS B 88 5.64 0.57 30.99
C LYS B 88 6.13 1.85 31.64
N LYS B 89 6.61 2.80 30.84
CA LYS B 89 7.05 4.06 31.43
C LYS B 89 6.03 5.16 31.32
N HIS B 90 5.13 5.10 30.38
CA HIS B 90 4.09 6.13 30.40
C HIS B 90 2.74 5.61 29.92
N PRO B 91 2.04 4.79 30.72
CA PRO B 91 0.85 4.09 30.19
C PRO B 91 -0.35 4.96 29.93
N GLU B 92 -0.40 6.14 30.53
CA GLU B 92 -1.59 7.01 30.39
C GLU B 92 -2.06 7.14 28.96
N PRO B 93 -1.20 7.40 27.97
CA PRO B 93 -1.70 7.57 26.60
C PRO B 93 -2.40 6.35 26.04
N PHE B 94 -1.82 5.16 26.26
CA PHE B 94 -2.46 3.95 25.77
C PHE B 94 -3.86 3.82 26.34
N PHE B 95 -4.03 4.13 27.64
CA PHE B 95 -5.34 3.97 28.25
C PHE B 95 -6.30 5.09 27.86
N ALA B 96 -5.80 6.29 27.59
CA ALA B 96 -6.62 7.32 26.98
C ALA B 96 -7.16 6.85 25.65
N LEU B 97 -6.29 6.24 24.84
CA LEU B 97 -6.74 5.67 23.57
C LEU B 97 -7.74 4.55 23.80
N ALA B 98 -7.51 3.71 24.81
CA ALA B 98 -8.43 2.60 25.09
C ALA B 98 -9.81 3.14 25.43
N LYS B 99 -9.86 4.17 26.27
CA LYS B 99 -11.15 4.78 26.62
C LYS B 99 -11.82 5.39 25.40
N GLU B 100 -11.03 6.04 24.52
CA GLU B 100 -11.65 6.70 23.38
C GLU B 100 -12.17 5.68 22.37
N LEU B 101 -11.50 4.54 22.27
CA LEU B 101 -11.79 3.51 21.29
C LEU B 101 -12.67 2.40 21.84
N TYR B 102 -12.95 2.38 23.12
CA TYR B 102 -13.87 1.38 23.62
C TYR B 102 -15.16 1.47 22.80
N PRO B 103 -15.61 0.37 22.20
CA PRO B 103 -16.80 0.44 21.35
C PRO B 103 -18.05 0.31 22.17
N GLY B 104 -18.98 1.26 22.04
CA GLY B 104 -20.19 1.17 22.84
C GLY B 104 -20.83 -0.21 22.74
N GLN B 105 -20.97 -0.70 21.51
CA GLN B 105 -21.50 -2.03 21.23
C GLN B 105 -20.46 -2.79 20.42
N PHE B 106 -20.16 -4.02 20.84
CA PHE B 106 -19.19 -4.89 20.17
C PHE B 106 -20.04 -5.67 19.19
N LYS B 107 -20.33 -5.04 18.03
CA LYS B 107 -21.21 -5.68 17.08
C LYS B 107 -20.42 -6.26 15.92
N PRO B 108 -20.30 -7.59 15.81
CA PRO B 108 -19.52 -8.17 14.71
C PRO B 108 -20.12 -7.79 13.36
N THR B 109 -19.28 -7.82 12.33
CA THR B 109 -19.69 -7.40 11.00
C THR B 109 -20.15 -8.58 10.15
N ILE B 110 -20.59 -8.27 8.94
CA ILE B 110 -20.98 -9.30 7.99
C ILE B 110 -19.82 -10.26 7.75
N CYS B 111 -18.60 -9.77 7.83
CA CYS B 111 -17.40 -10.57 7.57
C CYS B 111 -17.20 -11.62 8.68
N HIS B 112 -17.30 -11.19 9.94
CA HIS B 112 -17.21 -12.14 11.05
C HIS B 112 -18.24 -13.26 10.85
N TYR B 113 -19.48 -12.90 10.55
CA TYR B 113 -20.51 -13.92 10.38
C TYR B 113 -20.29 -14.76 9.13
N PHE B 114 -19.62 -14.25 8.11
CA PHE B 114 -19.25 -15.15 7.02
C PHE B 114 -18.26 -16.20 7.51
N MET B 115 -17.36 -15.83 8.43
CA MET B 115 -16.52 -16.85 9.05
C MET B 115 -17.34 -17.77 9.96
N ARG B 116 -18.47 -17.27 10.45
CA ARG B 116 -19.40 -18.09 11.22
C ARG B 116 -20.07 -19.14 10.34
N LEU B 117 -20.42 -18.73 9.11
CA LEU B 117 -20.93 -19.66 8.11
C LEU B 117 -19.90 -20.71 7.75
N LEU B 118 -18.64 -20.29 7.61
CA LEU B 118 -17.59 -21.26 7.29
C LEU B 118 -17.44 -22.28 8.40
N LYS B 119 -17.58 -21.84 9.66
CA LYS B 119 -17.57 -22.81 10.76
C LYS B 119 -18.76 -23.76 10.65
N ASP B 120 -19.95 -23.22 10.39
CA ASP B 120 -21.14 -24.07 10.42
C ASP B 120 -21.17 -25.10 9.30
N LYS B 121 -20.47 -24.86 8.19
CA LYS B 121 -20.43 -25.75 7.04
C LYS B 121 -19.22 -26.69 7.10
N GLY B 122 -18.52 -26.73 8.23
CA GLY B 122 -17.37 -27.58 8.41
C GLY B 122 -16.14 -27.23 7.62
N LEU B 123 -16.06 -26.01 7.09
CA LEU B 123 -14.93 -25.63 6.26
C LEU B 123 -13.82 -24.89 7.02
N LEU B 124 -14.09 -24.36 8.21
CA LEU B 124 -13.13 -23.48 8.87
C LEU B 124 -12.20 -24.31 9.74
N LEU B 125 -10.95 -24.46 9.31
CA LEU B 125 -9.94 -25.09 10.15
C LEU B 125 -9.43 -24.10 11.20
N ARG B 126 -9.18 -22.85 10.82
CA ARG B 126 -8.72 -21.87 11.80
C ARG B 126 -8.94 -20.46 11.29
N CYS B 127 -9.13 -19.55 12.23
CA CYS B 127 -9.11 -18.11 11.97
C CYS B 127 -7.96 -17.52 12.78
N TYR B 128 -6.89 -17.12 12.10
CA TYR B 128 -5.80 -16.38 12.71
C TYR B 128 -6.17 -14.91 12.66
N THR B 129 -6.32 -14.28 13.82
CA THR B 129 -6.73 -12.88 13.82
C THR B 129 -5.63 -12.02 14.42
N GLN B 130 -5.45 -10.83 13.84
CA GLN B 130 -4.55 -9.82 14.37
C GLN B 130 -5.30 -8.83 15.23
N ASN B 131 -6.63 -8.80 15.13
CA ASN B 131 -7.44 -7.88 15.91
C ASN B 131 -7.52 -8.32 17.36
N ILE B 132 -7.70 -7.34 18.23
CA ILE B 132 -7.84 -7.56 19.66
C ILE B 132 -9.27 -7.30 20.13
N ASP B 133 -10.19 -7.09 19.19
CA ASP B 133 -11.55 -6.68 19.54
C ASP B 133 -12.46 -7.82 19.92
N THR B 134 -12.04 -9.08 19.78
CA THR B 134 -12.83 -10.25 20.17
C THR B 134 -14.15 -10.36 19.41
N LEU B 135 -14.31 -9.63 18.31
CA LEU B 135 -15.53 -9.76 17.52
C LEU B 135 -15.68 -11.15 16.91
N GLU B 136 -14.57 -11.87 16.70
CA GLU B 136 -14.68 -13.24 16.19
C GLU B 136 -15.37 -14.15 17.20
N ARG B 137 -15.17 -13.91 18.50
CA ARG B 137 -15.87 -14.68 19.52
C ARG B 137 -17.34 -14.31 19.58
N ILE B 138 -17.67 -13.01 19.50
CA ILE B 138 -19.07 -12.59 19.52
C ILE B 138 -19.80 -13.10 18.29
N ALA B 139 -19.10 -13.27 17.18
CA ALA B 139 -19.76 -13.84 16.01
C ALA B 139 -20.01 -15.34 16.14
N GLY B 140 -19.45 -16.00 17.16
CA GLY B 140 -19.66 -17.42 17.37
C GLY B 140 -18.49 -18.35 17.08
N LEU B 141 -17.33 -17.83 16.73
CA LEU B 141 -16.16 -18.68 16.66
C LEU B 141 -15.68 -19.03 18.06
N GLU B 142 -15.26 -20.28 18.27
CA GLU B 142 -14.80 -20.76 19.56
C GLU B 142 -13.27 -20.67 19.68
N GLN B 143 -12.76 -20.84 20.90
CA GLN B 143 -11.32 -20.77 21.08
C GLN B 143 -10.58 -21.82 20.22
N GLU B 144 -11.16 -23.02 20.12
N GLU B 144 -11.15 -23.03 20.14
CA GLU B 144 -10.51 -24.03 19.27
CA GLU B 144 -10.54 -24.03 19.27
C GLU B 144 -10.41 -23.55 17.82
C GLU B 144 -10.38 -23.50 17.85
N ASP B 145 -11.35 -22.71 17.38
CA ASP B 145 -11.34 -22.20 16.02
C ASP B 145 -10.36 -21.06 15.81
N LEU B 146 -9.86 -20.45 16.88
CA LEU B 146 -9.17 -19.17 16.77
C LEU B 146 -7.73 -19.23 17.21
N VAL B 147 -6.89 -18.45 16.52
CA VAL B 147 -5.56 -18.08 16.99
C VAL B 147 -5.54 -16.55 17.05
N GLU B 148 -5.72 -15.99 18.25
CA GLU B 148 -5.69 -14.53 18.42
C GLU B 148 -4.23 -14.12 18.55
N ALA B 149 -3.60 -13.86 17.40
CA ALA B 149 -2.15 -13.76 17.33
C ALA B 149 -1.59 -12.63 18.19
N HIS B 150 -2.35 -11.54 18.36
CA HIS B 150 -1.90 -10.40 19.16
C HIS B 150 -2.67 -10.29 20.45
N GLY B 151 -3.22 -11.39 20.92
CA GLY B 151 -3.84 -11.45 22.21
C GLY B 151 -5.23 -10.85 22.19
N THR B 152 -5.66 -10.38 23.34
CA THR B 152 -7.00 -9.85 23.45
C THR B 152 -7.11 -8.84 24.60
N PHE B 153 -8.18 -8.04 24.51
CA PHE B 153 -8.53 -7.09 25.55
C PHE B 153 -9.45 -7.72 26.59
N TYR B 154 -9.95 -8.94 26.31
CA TYR B 154 -10.94 -9.59 27.16
C TYR B 154 -10.42 -9.80 28.59
N THR B 155 -9.17 -10.18 28.74
CA THR B 155 -8.61 -10.45 30.05
C THR B 155 -7.34 -9.65 30.26
N SER B 156 -7.05 -9.28 31.52
CA SER B 156 -5.89 -8.46 31.82
C SER B 156 -5.06 -9.13 32.92
N HIS B 157 -3.79 -8.74 33.00
CA HIS B 157 -2.87 -9.30 33.99
C HIS B 157 -1.95 -8.20 34.53
N CYS B 158 -1.57 -8.36 35.80
CA CYS B 158 -0.50 -7.56 36.38
C CYS B 158 0.82 -7.90 35.69
N VAL B 159 1.72 -6.92 35.64
CA VAL B 159 2.95 -7.08 34.87
C VAL B 159 4.08 -7.71 35.66
N SER B 160 3.95 -7.84 36.97
CA SER B 160 5.03 -8.34 37.81
C SER B 160 5.20 -9.85 37.65
N ALA B 161 6.44 -10.29 37.51
CA ALA B 161 6.72 -11.71 37.33
C ALA B 161 6.28 -12.56 38.52
N SER B 162 6.15 -11.94 39.69
CA SER B 162 5.70 -12.63 40.90
C SER B 162 4.26 -12.28 41.26
N CYS B 163 3.61 -11.41 40.49
CA CYS B 163 2.23 -11.05 40.78
C CYS B 163 1.28 -11.64 39.75
N ARG B 164 1.26 -11.08 38.54
CA ARG B 164 0.44 -11.56 37.44
C ARG B 164 -1.01 -11.86 37.84
N HIS B 165 -1.58 -11.01 38.70
CA HIS B 165 -2.99 -11.19 39.07
C HIS B 165 -3.88 -10.85 37.87
N GLU B 166 -4.84 -11.72 37.59
CA GLU B 166 -5.71 -11.53 36.44
C GLU B 166 -6.91 -10.67 36.83
N TYR B 167 -7.42 -9.94 35.84
CA TYR B 167 -8.58 -9.07 36.03
C TYR B 167 -9.52 -9.18 34.85
N PRO B 168 -10.83 -9.18 35.10
CA PRO B 168 -11.80 -9.34 34.01
C PRO B 168 -12.07 -8.00 33.33
N LEU B 169 -12.70 -8.09 32.16
CA LEU B 169 -12.98 -6.89 31.38
C LEU B 169 -13.84 -5.89 32.14
N SER B 170 -14.69 -6.35 33.05
CA SER B 170 -15.54 -5.42 33.79
C SER B 170 -14.70 -4.44 34.60
N TRP B 171 -13.80 -4.98 35.43
CA TRP B 171 -12.87 -4.17 36.22
C TRP B 171 -12.11 -3.17 35.35
N MET B 172 -11.43 -3.70 34.34
CA MET B 172 -10.60 -2.85 33.50
C MET B 172 -11.43 -1.74 32.88
N LYS B 173 -12.58 -2.10 32.29
CA LYS B 173 -13.48 -1.14 31.68
C LYS B 173 -13.80 -0.03 32.66
N GLU B 174 -14.15 -0.40 33.89
CA GLU B 174 -14.51 0.63 34.88
C GLU B 174 -13.32 1.56 35.11
N LYS B 175 -12.12 1.00 35.17
CA LYS B 175 -10.96 1.86 35.42
C LYS B 175 -10.67 2.76 34.22
N ILE B 176 -10.75 2.19 33.02
CA ILE B 176 -10.43 2.91 31.77
C ILE B 176 -11.37 4.07 31.57
N PHE B 177 -12.67 3.85 31.82
CA PHE B 177 -13.61 4.95 31.62
C PHE B 177 -13.53 5.97 32.74
N SER B 178 -13.10 5.54 33.93
CA SER B 178 -12.87 6.43 35.06
C SER B 178 -11.52 7.11 34.96
N GLU B 179 -10.78 6.87 33.89
CA GLU B 179 -9.46 7.47 33.67
C GLU B 179 -8.57 7.29 34.89
N VAL B 180 -8.71 6.16 35.56
CA VAL B 180 -7.93 5.80 36.72
C VAL B 180 -7.01 4.68 36.24
N THR B 181 -5.73 4.99 36.21
CA THR B 181 -4.75 4.11 35.62
C THR B 181 -4.79 2.74 36.27
N PRO B 182 -4.93 1.67 35.50
CA PRO B 182 -4.98 0.33 36.09
C PRO B 182 -3.73 -0.06 36.83
N LYS B 183 -3.85 -0.24 38.15
CA LYS B 183 -2.75 -0.66 38.99
C LYS B 183 -3.20 -1.88 39.77
N CYS B 184 -2.31 -2.86 39.96
CA CYS B 184 -2.70 -4.06 40.67
C CYS B 184 -3.12 -3.69 42.09
N GLU B 185 -4.19 -4.33 42.57
CA GLU B 185 -4.67 -4.02 43.91
C GLU B 185 -3.64 -4.37 44.98
N ASP B 186 -2.98 -5.53 44.83
CA ASP B 186 -2.06 -6.01 45.85
C ASP B 186 -0.69 -5.33 45.77
N CYS B 187 -0.09 -5.25 44.59
CA CYS B 187 1.26 -4.71 44.44
C CYS B 187 1.26 -3.35 43.77
N GLN B 188 0.11 -2.85 43.40
CA GLN B 188 0.07 -1.52 42.85
C GLN B 188 1.00 -1.39 41.66
N SER B 189 1.12 -2.47 40.89
CA SER B 189 1.91 -2.48 39.67
C SER B 189 1.04 -2.02 38.52
N LEU B 190 1.44 -2.29 37.28
CA LEU B 190 0.65 -1.93 36.10
C LEU B 190 -0.06 -3.20 35.60
N VAL B 191 -1.37 -3.11 35.34
CA VAL B 191 -2.20 -4.19 34.82
C VAL B 191 -2.58 -3.82 33.39
N LYS B 192 -2.20 -4.66 32.44
CA LYS B 192 -2.40 -4.37 31.04
C LYS B 192 -3.26 -5.44 30.36
N PRO B 193 -4.18 -5.05 29.47
CA PRO B 193 -4.95 -6.03 28.68
C PRO B 193 -4.00 -7.03 28.06
N ASP B 194 -4.48 -8.26 27.87
CA ASP B 194 -3.56 -9.27 27.39
C ASP B 194 -3.32 -9.11 25.90
N ILE B 195 -2.94 -7.92 25.46
CA ILE B 195 -2.57 -7.67 24.07
C ILE B 195 -1.06 -7.83 23.97
N VAL B 196 -0.61 -8.18 22.77
CA VAL B 196 0.81 -8.36 22.49
C VAL B 196 1.33 -7.03 21.96
N PHE B 197 1.79 -6.18 22.88
CA PHE B 197 2.39 -4.94 22.45
C PHE B 197 3.67 -5.22 21.66
N PHE B 198 4.06 -4.27 20.80
CA PHE B 198 5.36 -4.36 20.10
C PHE B 198 6.47 -4.71 21.07
N GLY B 199 7.19 -5.78 20.80
CA GLY B 199 8.22 -6.21 21.73
C GLY B 199 7.83 -7.38 22.63
N GLU B 200 6.57 -7.80 22.64
CA GLU B 200 6.15 -9.01 23.33
C GLU B 200 6.02 -10.14 22.33
N SER B 201 6.34 -11.35 22.79
CA SER B 201 6.31 -12.53 21.94
C SER B 201 4.86 -12.96 21.64
N LEU B 202 4.68 -13.64 20.54
CA LEU B 202 3.34 -14.14 20.18
C LEU B 202 2.99 -15.33 21.05
N PRO B 203 1.71 -15.69 21.14
CA PRO B 203 1.34 -16.84 21.96
C PRO B 203 1.90 -18.10 21.36
N ALA B 204 2.22 -19.07 22.24
CA ALA B 204 2.74 -20.33 21.74
C ALA B 204 1.76 -21.00 20.80
N ARG B 205 0.46 -20.77 21.01
CA ARG B 205 -0.57 -21.31 20.15
C ARG B 205 -0.35 -20.92 18.71
N PHE B 206 0.07 -19.68 18.46
CA PHE B 206 0.36 -19.22 17.10
C PHE B 206 1.26 -20.20 16.37
N PHE B 207 2.40 -20.55 16.98
CA PHE B 207 3.38 -21.40 16.32
C PHE B 207 2.94 -22.85 16.25
N SER B 208 2.40 -23.40 17.35
CA SER B 208 1.93 -24.78 17.30
C SER B 208 0.84 -24.94 16.24
N CYS B 209 -0.27 -24.21 16.40
CA CYS B 209 -1.31 -24.22 15.39
C CYS B 209 -0.77 -23.96 13.98
N MET B 210 0.22 -23.10 13.82
CA MET B 210 0.69 -22.85 12.46
C MET B 210 1.29 -24.12 11.89
N GLN B 211 2.23 -24.71 12.63
CA GLN B 211 2.92 -25.90 12.17
C GLN B 211 1.93 -27.00 11.84
N SER B 212 0.80 -27.04 12.53
CA SER B 212 -0.16 -28.10 12.20
C SER B 212 -1.06 -27.69 11.03
N ASP B 213 -1.70 -26.52 11.11
CA ASP B 213 -2.74 -26.13 10.16
C ASP B 213 -2.20 -25.95 8.74
N PHE B 214 -0.98 -25.46 8.59
CA PHE B 214 -0.58 -25.13 7.22
C PHE B 214 -0.02 -26.32 6.45
N LEU B 215 -0.02 -27.51 7.04
CA LEU B 215 0.29 -28.70 6.27
C LEU B 215 -0.94 -29.21 5.52
N LYS B 216 -2.14 -28.90 6.04
CA LYS B 216 -3.39 -29.44 5.51
C LYS B 216 -4.32 -28.42 4.88
N VAL B 217 -3.92 -27.15 4.80
CA VAL B 217 -4.86 -26.11 4.37
C VAL B 217 -5.11 -26.21 2.86
N ASP B 218 -6.38 -26.01 2.47
CA ASP B 218 -6.82 -26.06 1.09
C ASP B 218 -7.14 -24.69 0.52
N LEU B 219 -7.40 -23.70 1.36
CA LEU B 219 -7.73 -22.35 0.92
C LEU B 219 -7.40 -21.35 1.99
N LEU B 220 -6.77 -20.26 1.57
CA LEU B 220 -6.41 -19.14 2.42
C LEU B 220 -7.35 -17.97 2.08
N LEU B 221 -7.99 -17.40 3.10
CA LEU B 221 -8.95 -16.28 3.02
C LEU B 221 -8.34 -15.12 3.78
N VAL B 222 -7.69 -14.20 3.07
CA VAL B 222 -7.03 -13.05 3.67
C VAL B 222 -7.97 -11.86 3.53
N MET B 223 -8.23 -11.17 4.65
CA MET B 223 -9.23 -10.11 4.71
C MET B 223 -8.78 -8.97 5.60
N GLY B 224 -9.06 -7.75 5.13
CA GLY B 224 -8.80 -6.53 5.85
C GLY B 224 -7.47 -6.50 6.58
N THR B 225 -6.38 -6.75 5.87
CA THR B 225 -5.05 -6.63 6.45
C THR B 225 -4.07 -6.18 5.38
N SER B 226 -3.11 -5.35 5.78
CA SER B 226 -2.07 -4.89 4.87
C SER B 226 -0.86 -5.81 4.83
N LEU B 227 -0.79 -6.82 5.70
CA LEU B 227 0.32 -7.75 5.72
C LEU B 227 1.65 -7.02 5.84
N GLN B 228 1.71 -6.05 6.74
CA GLN B 228 2.91 -5.25 6.94
C GLN B 228 3.55 -5.46 8.29
N VAL B 229 3.07 -6.43 9.07
CA VAL B 229 3.60 -6.68 10.40
C VAL B 229 3.95 -8.15 10.53
N GLN B 230 5.19 -8.43 10.87
CA GLN B 230 5.66 -9.80 11.01
C GLN B 230 5.75 -10.16 12.49
N PRO B 231 5.65 -11.46 12.84
CA PRO B 231 5.66 -12.59 11.90
C PRO B 231 4.35 -12.99 11.24
N PHE B 232 3.28 -12.19 11.40
CA PHE B 232 1.98 -12.61 10.89
C PHE B 232 1.98 -12.78 9.37
N ALA B 233 2.45 -11.77 8.64
CA ALA B 233 2.27 -11.79 7.19
C ALA B 233 2.94 -13.01 6.56
N SER B 234 4.06 -13.47 7.11
CA SER B 234 4.75 -14.63 6.55
C SER B 234 3.88 -15.86 6.57
N LEU B 235 2.78 -15.83 7.31
CA LEU B 235 1.87 -16.95 7.30
C LEU B 235 1.37 -17.25 5.89
N ILE B 236 1.19 -16.22 5.05
CA ILE B 236 0.68 -16.52 3.71
C ILE B 236 1.69 -17.32 2.89
N SER B 237 2.92 -17.43 3.37
CA SER B 237 4.00 -18.13 2.68
C SER B 237 4.13 -19.59 3.10
N LYS B 238 3.60 -19.94 4.26
CA LYS B 238 3.68 -21.30 4.77
C LYS B 238 2.75 -22.29 4.08
N ALA B 239 1.75 -21.81 3.35
CA ALA B 239 0.78 -22.70 2.74
C ALA B 239 1.44 -23.53 1.65
N PRO B 240 0.92 -24.75 1.39
CA PRO B 240 1.46 -25.52 0.28
C PRO B 240 1.45 -24.65 -0.96
N LEU B 241 2.35 -24.94 -1.90
CA LEU B 241 2.43 -24.09 -3.09
C LEU B 241 1.19 -24.19 -3.96
N SER B 242 0.31 -25.15 -3.69
CA SER B 242 -0.91 -25.32 -4.46
C SER B 242 -2.14 -24.67 -3.82
N THR B 243 -2.08 -24.28 -2.55
CA THR B 243 -3.26 -23.75 -1.87
C THR B 243 -3.69 -22.41 -2.45
N PRO B 244 -4.88 -22.29 -3.05
CA PRO B 244 -5.37 -20.97 -3.46
C PRO B 244 -5.44 -19.98 -2.31
N ARG B 245 -5.26 -18.71 -2.65
CA ARG B 245 -5.26 -17.60 -1.70
C ARG B 245 -6.14 -16.48 -2.28
N LEU B 246 -7.25 -16.19 -1.61
CA LEU B 246 -8.14 -15.11 -1.98
C LEU B 246 -7.98 -13.96 -1.01
N LEU B 247 -7.74 -12.76 -1.53
CA LEU B 247 -7.65 -11.56 -0.72
C LEU B 247 -8.88 -10.70 -0.96
N ILE B 248 -9.63 -10.43 0.10
CA ILE B 248 -10.75 -9.49 0.08
C ILE B 248 -10.29 -8.27 0.87
N ASN B 249 -10.03 -7.17 0.16
CA ASN B 249 -9.38 -6.03 0.79
C ASN B 249 -9.53 -4.83 -0.13
N LYS B 250 -9.51 -3.63 0.46
CA LYS B 250 -9.63 -2.43 -0.35
C LYS B 250 -8.49 -2.29 -1.37
N GLU B 251 -7.35 -2.92 -1.12
CA GLU B 251 -6.17 -2.72 -1.93
C GLU B 251 -5.30 -3.98 -1.88
N LYS B 252 -4.55 -4.21 -2.96
CA LYS B 252 -3.63 -5.34 -2.97
C LYS B 252 -2.64 -5.23 -1.82
N ALA B 253 -2.33 -6.38 -1.23
CA ALA B 253 -1.36 -6.46 -0.15
C ALA B 253 -0.64 -7.80 -0.26
N GLY B 254 0.54 -7.88 0.34
CA GLY B 254 1.28 -9.12 0.36
C GLY B 254 1.98 -9.49 -0.93
N GLN B 255 2.29 -8.52 -1.80
N GLN B 255 2.28 -8.53 -1.80
CA GLN B 255 2.89 -8.80 -3.09
CA GLN B 255 2.89 -8.80 -3.10
C GLN B 255 4.38 -9.06 -2.94
C GLN B 255 4.37 -9.06 -2.95
N SER B 256 5.13 -8.97 -4.03
CA SER B 256 6.58 -9.22 -3.98
C SER B 256 6.86 -10.68 -3.64
N GLY B 265 8.28 -5.77 3.67
CA GLY B 265 8.96 -7.00 4.02
C GLY B 265 8.09 -8.22 3.89
N LEU B 266 8.65 -9.31 3.38
CA LEU B 266 7.81 -10.45 3.05
C LEU B 266 8.65 -11.60 2.54
N GLY B 267 8.14 -12.81 2.78
CA GLY B 267 8.80 -14.04 2.41
C GLY B 267 8.03 -14.91 1.45
N GLY B 268 6.69 -14.85 1.42
CA GLY B 268 5.89 -15.70 0.54
C GLY B 268 5.64 -15.12 -0.83
N GLY B 269 4.65 -14.25 -0.96
CA GLY B 269 4.47 -13.52 -2.19
C GLY B 269 3.15 -13.69 -2.89
N MET B 270 2.27 -12.70 -2.78
CA MET B 270 1.01 -12.72 -3.51
C MET B 270 1.30 -12.28 -4.94
N ASP B 271 0.93 -13.10 -5.91
CA ASP B 271 1.17 -12.77 -7.32
C ASP B 271 -0.16 -12.80 -8.06
N PHE B 272 -0.78 -11.64 -8.23
CA PHE B 272 -2.09 -11.60 -8.86
C PHE B 272 -2.03 -11.40 -10.37
N ASP B 273 -0.94 -10.80 -10.87
CA ASP B 273 -0.95 -10.24 -12.22
C ASP B 273 0.21 -10.63 -13.13
N SER B 274 1.21 -11.37 -12.66
CA SER B 274 2.37 -11.65 -13.48
C SER B 274 2.03 -12.76 -14.46
N LYS B 275 3.02 -13.12 -15.28
CA LYS B 275 2.82 -14.22 -16.23
C LYS B 275 2.79 -15.60 -15.57
N LYS B 276 3.31 -15.73 -14.35
CA LYS B 276 3.33 -17.01 -13.64
C LYS B 276 2.23 -17.12 -12.59
N ALA B 277 1.41 -16.09 -12.44
CA ALA B 277 0.31 -16.15 -11.48
C ALA B 277 -0.59 -17.34 -11.77
N TYR B 278 -1.00 -18.05 -10.71
CA TYR B 278 -1.77 -19.27 -10.93
C TYR B 278 -2.81 -19.52 -9.83
N ARG B 279 -2.57 -19.01 -8.62
CA ARG B 279 -3.42 -19.35 -7.49
C ARG B 279 -3.91 -18.18 -6.66
N ASP B 280 -3.42 -16.97 -6.90
CA ASP B 280 -3.75 -15.84 -6.05
C ASP B 280 -4.80 -14.98 -6.74
N VAL B 281 -5.82 -14.57 -5.97
CA VAL B 281 -6.90 -13.74 -6.46
C VAL B 281 -7.12 -12.59 -5.50
N ALA B 282 -7.23 -11.38 -6.03
CA ALA B 282 -7.52 -10.18 -5.27
C ALA B 282 -8.88 -9.64 -5.69
N TRP B 283 -9.80 -9.56 -4.72
CA TRP B 283 -11.10 -8.92 -4.89
C TRP B 283 -11.03 -7.64 -4.06
N LEU B 284 -10.95 -6.51 -4.74
CA LEU B 284 -10.80 -5.23 -4.05
C LEU B 284 -12.16 -4.64 -3.72
N GLY B 285 -12.27 -4.12 -2.51
CA GLY B 285 -13.47 -3.49 -2.01
C GLY B 285 -13.65 -3.75 -0.53
N GLU B 286 -14.84 -3.39 -0.05
CA GLU B 286 -15.17 -3.55 1.36
C GLU B 286 -15.23 -5.03 1.72
N CYS B 287 -14.78 -5.35 2.93
CA CYS B 287 -14.77 -6.74 3.35
C CYS B 287 -16.19 -7.31 3.41
N ASP B 288 -17.14 -6.52 3.93
CA ASP B 288 -18.51 -6.99 4.02
C ASP B 288 -19.10 -7.22 2.63
N GLN B 289 -18.80 -6.32 1.69
CA GLN B 289 -19.31 -6.44 0.33
C GLN B 289 -18.74 -7.69 -0.34
N GLY B 290 -17.45 -7.95 -0.12
CA GLY B 290 -16.83 -9.11 -0.72
C GLY B 290 -17.35 -10.41 -0.12
N CYS B 291 -17.62 -10.41 1.19
CA CYS B 291 -18.21 -11.59 1.81
C CYS B 291 -19.62 -11.82 1.27
N LEU B 292 -20.38 -10.75 1.05
CA LEU B 292 -21.71 -10.90 0.46
C LEU B 292 -21.63 -11.50 -0.93
N ALA B 293 -20.75 -10.97 -1.77
CA ALA B 293 -20.60 -11.50 -3.13
C ALA B 293 -20.19 -12.97 -3.09
N LEU B 294 -19.24 -13.31 -2.23
CA LEU B 294 -18.78 -14.70 -2.13
C LEU B 294 -19.90 -15.60 -1.66
N ALA B 295 -20.65 -15.17 -0.64
CA ALA B 295 -21.77 -15.98 -0.14
C ALA B 295 -22.79 -16.22 -1.24
N GLU B 296 -23.19 -15.16 -1.95
CA GLU B 296 -24.15 -15.33 -3.04
C GLU B 296 -23.63 -16.35 -4.04
N LEU B 297 -22.37 -16.21 -4.46
CA LEU B 297 -21.77 -17.17 -5.39
C LEU B 297 -21.92 -18.60 -4.89
N LEU B 298 -21.79 -18.80 -3.58
CA LEU B 298 -21.93 -20.12 -2.99
C LEU B 298 -23.37 -20.46 -2.63
N GLY B 299 -24.31 -19.56 -2.90
CA GLY B 299 -25.68 -19.77 -2.48
C GLY B 299 -25.91 -19.59 -1.00
N TRP B 300 -25.07 -18.81 -0.33
CA TRP B 300 -25.21 -18.57 1.10
C TRP B 300 -25.62 -17.15 1.43
N LYS B 301 -25.70 -16.26 0.44
CA LYS B 301 -26.02 -14.86 0.73
C LYS B 301 -27.30 -14.73 1.58
N LYS B 302 -28.33 -15.51 1.24
CA LYS B 302 -29.56 -15.48 2.03
C LYS B 302 -29.28 -15.88 3.48
N GLU B 303 -28.60 -17.01 3.69
N GLU B 303 -28.56 -16.98 3.67
CA GLU B 303 -28.32 -17.46 5.05
CA GLU B 303 -28.27 -17.48 5.01
C GLU B 303 -27.43 -16.45 5.79
C GLU B 303 -27.41 -16.48 5.78
N LEU B 304 -26.47 -15.85 5.08
CA LEU B 304 -25.57 -14.89 5.73
C LEU B 304 -26.34 -13.65 6.19
N GLU B 305 -27.15 -13.07 5.32
CA GLU B 305 -27.96 -11.92 5.73
C GLU B 305 -28.88 -12.29 6.89
N ASP B 306 -29.53 -13.46 6.83
CA ASP B 306 -30.40 -13.86 7.93
C ASP B 306 -29.63 -14.01 9.24
N LEU B 307 -28.44 -14.63 9.19
CA LEU B 307 -27.64 -14.81 10.40
C LEU B 307 -27.24 -13.46 10.98
N VAL B 308 -26.78 -12.55 10.13
CA VAL B 308 -26.36 -11.24 10.63
C VAL B 308 -27.55 -10.53 11.27
N ARG B 309 -28.70 -10.58 10.60
CA ARG B 309 -29.91 -9.96 11.15
C ARG B 309 -30.21 -10.52 12.53
N ARG B 310 -30.30 -11.83 12.64
CA ARG B 310 -30.69 -12.45 13.90
C ARG B 310 -29.73 -12.07 15.00
N GLU B 311 -28.42 -12.22 14.73
CA GLU B 311 -27.46 -11.98 15.81
C GLU B 311 -27.41 -10.50 16.20
N HIS B 312 -27.43 -9.59 15.22
CA HIS B 312 -27.46 -8.17 15.56
C HIS B 312 -28.68 -7.84 16.40
N ALA B 313 -29.84 -8.42 16.07
CA ALA B 313 -31.03 -8.15 16.88
C ALA B 313 -30.88 -8.75 18.28
N SER B 314 -30.32 -9.96 18.36
CA SER B 314 -30.17 -10.63 19.65
C SER B 314 -29.20 -9.85 20.55
N ILE B 315 -28.15 -9.28 19.98
CA ILE B 315 -27.17 -8.58 20.80
C ILE B 315 -27.80 -7.31 21.38
N ASP B 316 -28.66 -6.65 20.60
CA ASP B 316 -29.34 -5.44 21.05
C ASP B 316 -30.42 -5.74 22.09
N ALA B 317 -30.21 -6.79 22.89
CA ALA B 317 -31.11 -7.13 23.98
C ALA B 317 -30.43 -7.13 25.34
N GLN B 318 -29.13 -7.40 25.39
CA GLN B 318 -28.39 -7.46 26.63
C GLN B 318 -28.36 -6.12 27.34
#